data_3T1G
#
_entry.id   3T1G
#
_cell.length_a   47.391
_cell.length_b   77.592
_cell.length_c   94.972
_cell.angle_alpha   90.00
_cell.angle_beta   90.00
_cell.angle_gamma   90.00
#
_symmetry.space_group_name_H-M   'P 2 21 21'
#
loop_
_entity.id
_entity.type
_entity.pdbx_description
1 polymer 'organophosphate hydrolase'
2 non-polymer 'ZINC ION'
3 non-polymer 'CALCIUM ION'
4 water water
#
_entity_poly.entity_id   1
_entity_poly.type   'polypeptide(L)'
_entity_poly.pdbx_seq_one_letter_code
;GSHMTPAFNKPKVELHVHLSGAIKPETILYFGKKRGIALPADTVEELRNIIGMDKPLSQPGTLAKWDYYMPVIAGCREAI
KRIAYEFVEMKAKEGVVYVEVRYSPHLLANSKVDPMPWNQTEGDVTPDDVVDLVNQGLHEGEQAFGIKVRSILCCMRHQP
SWSLEVLELCKKYNQKTVVAMDLIGDETIEGSSLFPGHVEAYEGAVKNGIHRTVHAGEFGSPEVVREAVDILKTERVGHG
YHTIEDEALYNRLLKENMHFEVCPWSSYLTGAWDPKTTHAVVRFKNDKANYSLNTDAPLEFKSTLDTDYQMTKKDMGFTE
EEFKRLNINAAKSSFLPEEEKKELLERLYREYQ
;
_entity_poly.pdbx_strand_id   A
#
loop_
_chem_comp.id
_chem_comp.type
_chem_comp.name
_chem_comp.formula
CA non-polymer 'CALCIUM ION' 'Ca 2'
ZN non-polymer 'ZINC ION' 'Zn 2'
#
# COMPACT_ATOMS: atom_id res chain seq x y z
N THR A 5 21.34 -2.73 -14.40
CA THR A 5 21.48 -1.24 -14.35
C THR A 5 20.13 -0.58 -14.02
N PRO A 6 20.03 0.07 -12.84
CA PRO A 6 18.77 0.66 -12.38
C PRO A 6 18.15 1.62 -13.41
N ALA A 7 16.84 1.53 -13.57
CA ALA A 7 16.10 2.38 -14.51
C ALA A 7 16.14 3.84 -14.10
N PHE A 8 15.99 4.09 -12.79
CA PHE A 8 15.95 5.44 -12.25
C PHE A 8 16.80 5.49 -10.97
N ASN A 9 18.09 5.79 -11.15
CA ASN A 9 19.05 5.82 -10.06
C ASN A 9 19.05 7.17 -9.33
N LYS A 10 17.86 7.58 -8.91
CA LYS A 10 17.64 8.83 -8.19
C LYS A 10 16.57 8.64 -7.11
N PRO A 11 16.44 9.61 -6.18
CA PRO A 11 15.44 9.58 -5.11
C PRO A 11 14.01 9.32 -5.60
N LYS A 12 13.36 8.32 -5.02
CA LYS A 12 12.00 7.96 -5.38
C LYS A 12 11.07 8.20 -4.20
N VAL A 13 9.78 8.35 -4.49
CA VAL A 13 8.75 8.43 -3.47
C VAL A 13 7.75 7.29 -3.67
N GLU A 14 7.50 6.52 -2.61
CA GLU A 14 6.52 5.42 -2.66
C GLU A 14 5.33 5.68 -1.74
N LEU A 15 4.13 5.62 -2.31
CA LEU A 15 2.90 5.92 -1.58
C LEU A 15 1.95 4.73 -1.38
N HIS A 16 2.18 3.63 -2.10
CA HIS A 16 1.29 2.48 -2.07
C HIS A 16 2.08 1.19 -1.95
N VAL A 17 2.20 0.70 -0.71
CA VAL A 17 2.88 -0.57 -0.43
C VAL A 17 2.34 -1.12 0.88
N HIS A 18 2.01 -2.41 0.90
CA HIS A 18 1.42 -3.07 2.07
C HIS A 18 2.53 -3.72 2.91
N LEU A 19 2.61 -3.33 4.18
CA LEU A 19 3.59 -3.87 5.13
C LEU A 19 3.59 -5.41 5.17
N SER A 20 2.40 -6.00 5.25
CA SER A 20 2.28 -7.44 5.30
C SER A 20 2.57 -8.11 3.95
N GLY A 21 2.70 -7.30 2.89
CA GLY A 21 3.16 -7.79 1.58
C GLY A 21 4.63 -7.48 1.35
N ALA A 22 5.34 -7.16 2.43
CA ALA A 22 6.72 -6.69 2.32
C ALA A 22 7.54 -7.17 3.52
N ILE A 23 7.36 -8.45 3.85
CA ILE A 23 8.08 -9.12 4.92
C ILE A 23 9.18 -9.98 4.31
N LYS A 24 10.29 -10.15 5.03
CA LYS A 24 11.38 -10.99 4.55
C LYS A 24 11.02 -12.45 4.76
N PRO A 25 11.20 -13.29 3.72
CA PRO A 25 10.89 -14.71 3.84
C PRO A 25 11.71 -15.40 4.95
N GLU A 26 12.96 -14.96 5.14
CA GLU A 26 13.80 -15.47 6.23
C GLU A 26 13.25 -15.08 7.61
N THR A 27 12.59 -13.94 7.70
CA THR A 27 11.94 -13.50 8.93
C THR A 27 10.68 -14.33 9.22
N ILE A 28 9.93 -14.70 8.16
CA ILE A 28 8.80 -15.62 8.32
C ILE A 28 9.25 -16.99 8.83
N LEU A 29 10.26 -17.56 8.17
CA LEU A 29 10.86 -18.82 8.59
C LEU A 29 11.30 -18.78 10.05
N TYR A 30 11.99 -17.70 10.43
CA TYR A 30 12.47 -17.56 11.80
C TYR A 30 11.36 -17.66 12.83
N PHE A 31 10.29 -16.91 12.64
CA PHE A 31 9.20 -16.90 13.61
C PHE A 31 8.28 -18.11 13.57
N GLY A 32 8.19 -18.76 12.41
CA GLY A 32 7.55 -20.07 12.28
C GLY A 32 8.22 -21.09 13.16
N LYS A 33 9.56 -21.12 13.12
CA LYS A 33 10.35 -22.03 13.93
C LYS A 33 10.23 -21.70 15.43
N LYS A 34 10.37 -20.41 15.76
CA LYS A 34 10.32 -19.94 17.15
C LYS A 34 8.98 -20.21 17.85
N ARG A 35 7.88 -20.06 17.10
CA ARG A 35 6.53 -20.16 17.68
C ARG A 35 5.90 -21.55 17.56
N GLY A 36 6.60 -22.48 16.89
CA GLY A 36 6.06 -23.81 16.64
C GLY A 36 4.82 -23.83 15.74
N ILE A 37 4.80 -22.91 14.77
CA ILE A 37 3.71 -22.81 13.79
C ILE A 37 4.18 -23.34 12.44
N ALA A 38 3.40 -24.26 11.87
CA ALA A 38 3.74 -24.98 10.63
C ALA A 38 3.83 -24.08 9.40
N LEU A 39 4.81 -24.37 8.54
CA LEU A 39 5.00 -23.68 7.26
C LEU A 39 5.35 -24.71 6.19
N PRO A 40 4.78 -24.56 4.96
CA PRO A 40 4.93 -25.54 3.88
C PRO A 40 6.34 -25.64 3.26
N ALA A 41 7.29 -24.89 3.81
CA ALA A 41 8.68 -24.96 3.38
C ALA A 41 9.60 -24.66 4.54
N ASP A 42 10.84 -25.14 4.45
CA ASP A 42 11.90 -24.72 5.35
C ASP A 42 13.15 -24.33 4.58
N THR A 43 13.00 -23.28 3.77
CA THR A 43 14.11 -22.52 3.19
C THR A 43 13.56 -21.29 2.49
N VAL A 44 14.40 -20.27 2.32
CA VAL A 44 13.97 -19.03 1.70
C VAL A 44 13.47 -19.31 0.29
N GLU A 45 14.26 -20.05 -0.47
CA GLU A 45 13.93 -20.35 -1.85
C GLU A 45 12.54 -20.97 -1.99
N GLU A 46 12.27 -22.00 -1.19
CA GLU A 46 11.00 -22.73 -1.26
C GLU A 46 9.83 -21.87 -0.82
N LEU A 47 10.03 -21.11 0.25
CA LEU A 47 9.04 -20.19 0.74
C LEU A 47 8.72 -19.14 -0.34
N ARG A 48 9.75 -18.64 -1.03
CA ARG A 48 9.56 -17.68 -2.13
C ARG A 48 8.78 -18.28 -3.28
N ASN A 49 9.07 -19.54 -3.61
CA ASN A 49 8.37 -20.24 -4.69
C ASN A 49 6.87 -20.41 -4.38
N ILE A 50 6.54 -20.56 -3.10
CA ILE A 50 5.15 -20.75 -2.67
C ILE A 50 4.37 -19.43 -2.62
N ILE A 51 4.96 -18.45 -1.94
CA ILE A 51 4.32 -17.14 -1.71
C ILE A 51 4.54 -16.17 -2.86
N GLY A 52 5.70 -16.26 -3.51
CA GLY A 52 6.01 -15.45 -4.68
C GLY A 52 5.25 -15.91 -5.91
N MET A 53 5.12 -15.03 -6.89
CA MET A 53 4.35 -15.28 -8.11
C MET A 53 5.19 -14.92 -9.32
N ASP A 54 5.33 -15.89 -10.22
CA ASP A 54 6.07 -15.72 -11.48
C ASP A 54 5.15 -15.31 -12.63
N LYS A 55 3.88 -15.70 -12.55
CA LYS A 55 2.90 -15.49 -13.63
C LYS A 55 1.59 -14.94 -13.06
N PRO A 56 0.80 -14.25 -13.91
CA PRO A 56 -0.46 -13.69 -13.47
C PRO A 56 -1.39 -14.73 -12.88
N LEU A 57 -1.95 -14.39 -11.72
CA LEU A 57 -3.01 -15.16 -11.11
C LEU A 57 -4.28 -14.33 -11.21
N SER A 58 -4.68 -13.72 -10.10
CA SER A 58 -5.95 -13.04 -9.96
C SER A 58 -5.98 -12.35 -8.60
N GLN A 59 -7.05 -11.59 -8.32
CA GLN A 59 -7.20 -10.98 -6.99
C GLN A 59 -7.21 -12.04 -5.89
N PRO A 60 -8.11 -13.05 -5.98
CA PRO A 60 -8.22 -14.05 -4.91
C PRO A 60 -6.95 -14.90 -4.73
N GLY A 61 -6.33 -15.30 -5.84
CA GLY A 61 -5.13 -16.12 -5.83
C GLY A 61 -3.94 -15.39 -5.23
N THR A 62 -3.93 -14.07 -5.40
CA THR A 62 -2.93 -13.19 -4.78
C THR A 62 -3.15 -13.11 -3.26
N LEU A 63 -4.37 -12.74 -2.87
CA LEU A 63 -4.74 -12.64 -1.46
C LEU A 63 -4.54 -13.97 -0.71
N ALA A 64 -4.68 -15.09 -1.42
CA ALA A 64 -4.52 -16.40 -0.82
C ALA A 64 -3.12 -16.68 -0.21
N LYS A 65 -2.08 -16.01 -0.71
CA LYS A 65 -0.71 -16.20 -0.20
C LYS A 65 -0.54 -15.80 1.26
N TRP A 66 -1.35 -14.85 1.72
CA TRP A 66 -1.26 -14.32 3.08
C TRP A 66 -1.53 -15.38 4.16
N ASP A 67 -2.43 -16.33 3.88
CA ASP A 67 -2.73 -17.39 4.85
C ASP A 67 -1.54 -18.27 5.21
N TYR A 68 -0.57 -18.37 4.30
CA TYR A 68 0.62 -19.19 4.55
C TYR A 68 1.48 -18.64 5.68
N TYR A 69 1.60 -17.31 5.75
CA TYR A 69 2.59 -16.71 6.63
C TYR A 69 2.07 -15.77 7.72
N MET A 70 0.86 -15.25 7.57
CA MET A 70 0.29 -14.36 8.59
C MET A 70 0.11 -14.99 9.99
N PRO A 71 -0.20 -16.31 10.07
CA PRO A 71 -0.26 -16.95 11.40
C PRO A 71 1.07 -16.89 12.18
N VAL A 72 2.17 -16.84 11.44
CA VAL A 72 3.52 -16.76 12.02
C VAL A 72 3.83 -15.36 12.54
N ILE A 73 3.15 -14.35 11.97
CA ILE A 73 3.44 -12.96 12.27
C ILE A 73 2.44 -12.32 13.24
N ALA A 74 1.14 -12.47 12.94
CA ALA A 74 0.08 -11.91 13.76
C ALA A 74 0.12 -12.49 15.17
N GLY A 75 -0.12 -11.64 16.17
CA GLY A 75 -0.16 -12.08 17.56
C GLY A 75 1.16 -12.14 18.30
N CYS A 76 2.25 -11.79 17.62
CA CYS A 76 3.58 -11.83 18.21
C CYS A 76 4.20 -10.43 18.21
N ARG A 77 4.33 -9.85 19.40
CA ARG A 77 4.79 -8.47 19.59
C ARG A 77 6.17 -8.22 18.96
N GLU A 78 7.08 -9.17 19.18
CA GLU A 78 8.42 -9.13 18.62
C GLU A 78 8.42 -9.14 17.08
N ALA A 79 7.56 -9.96 16.49
CA ALA A 79 7.45 -10.08 15.03
C ALA A 79 6.91 -8.82 14.37
N ILE A 80 5.89 -8.21 15.00
CA ILE A 80 5.23 -7.05 14.44
C ILE A 80 6.18 -5.85 14.37
N LYS A 81 6.95 -5.63 15.43
CA LYS A 81 7.91 -4.54 15.45
C LYS A 81 9.03 -4.78 14.44
N ARG A 82 9.49 -6.02 14.36
CA ARG A 82 10.64 -6.36 13.53
C ARG A 82 10.38 -6.22 12.02
N ILE A 83 9.17 -6.56 11.57
CA ILE A 83 8.85 -6.43 10.15
C ILE A 83 8.76 -4.97 9.74
N ALA A 84 8.32 -4.12 10.67
CA ALA A 84 8.25 -2.69 10.47
C ALA A 84 9.66 -2.12 10.37
N TYR A 85 10.52 -2.52 11.30
CA TYR A 85 11.92 -2.14 11.29
C TYR A 85 12.60 -2.56 9.98
N GLU A 86 12.41 -3.81 9.60
CA GLU A 86 13.02 -4.39 8.41
C GLU A 86 12.41 -3.85 7.11
N PHE A 87 11.14 -3.44 7.18
CA PHE A 87 10.53 -2.77 6.04
C PHE A 87 11.33 -1.50 5.68
N VAL A 88 11.69 -0.70 6.67
CA VAL A 88 12.49 0.50 6.48
C VAL A 88 13.89 0.20 5.92
N GLU A 89 14.55 -0.81 6.47
CA GLU A 89 15.88 -1.24 6.02
C GLU A 89 15.91 -1.52 4.52
N MET A 90 14.96 -2.33 4.05
CA MET A 90 14.99 -2.78 2.67
C MET A 90 14.55 -1.68 1.69
N LYS A 91 13.62 -0.84 2.14
CA LYS A 91 13.20 0.32 1.37
C LYS A 91 14.32 1.32 1.20
N ALA A 92 15.09 1.54 2.27
CA ALA A 92 16.26 2.40 2.24
C ALA A 92 17.22 1.96 1.15
N LYS A 93 17.28 0.65 0.91
CA LYS A 93 18.15 0.08 -0.13
C LYS A 93 17.64 0.31 -1.56
N GLU A 94 16.37 0.74 -1.68
CA GLU A 94 15.76 0.96 -2.99
C GLU A 94 15.82 2.43 -3.47
N GLY A 95 16.57 3.27 -2.76
CA GLY A 95 16.71 4.69 -3.13
C GLY A 95 15.44 5.50 -2.90
N VAL A 96 14.62 5.05 -1.95
CA VAL A 96 13.41 5.75 -1.55
C VAL A 96 13.76 6.71 -0.42
N VAL A 97 13.39 7.98 -0.58
CA VAL A 97 13.58 8.99 0.48
C VAL A 97 12.33 9.17 1.37
N TYR A 98 11.17 8.82 0.83
CA TYR A 98 9.93 8.90 1.60
C TYR A 98 8.96 7.81 1.24
N VAL A 99 8.54 7.03 2.24
CA VAL A 99 7.57 5.94 2.04
C VAL A 99 6.35 6.13 2.91
N GLU A 100 5.18 5.88 2.33
CA GLU A 100 3.98 5.60 3.09
C GLU A 100 3.67 4.10 3.00
N VAL A 101 3.56 3.47 4.17
CA VAL A 101 3.32 2.03 4.26
C VAL A 101 1.97 1.76 4.93
N ARG A 102 1.22 0.79 4.41
CA ARG A 102 -0.16 0.57 4.86
C ARG A 102 -0.41 -0.87 5.34
N TYR A 103 -1.37 -1.00 6.25
CA TYR A 103 -1.73 -2.29 6.81
C TYR A 103 -3.05 -2.20 7.56
N SER A 104 -3.66 -3.36 7.77
CA SER A 104 -4.85 -3.49 8.61
C SER A 104 -4.38 -3.90 9.99
N PRO A 105 -4.56 -3.01 10.99
CA PRO A 105 -4.12 -3.36 12.35
C PRO A 105 -4.87 -4.59 12.88
N HIS A 106 -6.11 -4.77 12.43
CA HIS A 106 -6.91 -5.91 12.87
C HIS A 106 -6.31 -7.24 12.43
N LEU A 107 -5.69 -7.26 11.26
CA LEU A 107 -5.11 -8.49 10.70
C LEU A 107 -3.81 -8.93 11.35
N LEU A 108 -3.24 -8.10 12.22
CA LEU A 108 -2.07 -8.51 13.00
C LEU A 108 -2.39 -8.75 14.49
N ALA A 109 -3.64 -8.53 14.87
CA ALA A 109 -4.08 -8.69 16.25
C ALA A 109 -4.59 -10.11 16.52
N ASN A 110 -4.51 -10.54 17.78
CA ASN A 110 -5.13 -11.80 18.20
C ASN A 110 -6.05 -11.59 19.42
N SER A 111 -6.37 -10.33 19.69
CA SER A 111 -7.21 -9.96 20.83
C SER A 111 -8.16 -8.83 20.45
N LYS A 112 -9.42 -8.95 20.87
CA LYS A 112 -10.46 -7.93 20.62
C LYS A 112 -10.70 -7.69 19.12
N VAL A 113 -10.68 -8.76 18.35
CA VAL A 113 -10.96 -8.71 16.93
C VAL A 113 -11.98 -9.81 16.58
N ASP A 114 -13.15 -9.38 16.11
CA ASP A 114 -14.25 -10.27 15.76
C ASP A 114 -14.68 -9.97 14.31
N PRO A 115 -14.57 -10.98 13.42
CA PRO A 115 -14.07 -12.33 13.69
C PRO A 115 -12.54 -12.42 13.66
N MET A 116 -12.01 -13.40 14.40
CA MET A 116 -10.58 -13.65 14.48
C MET A 116 -9.97 -14.09 13.14
N PRO A 117 -8.93 -13.38 12.67
CA PRO A 117 -8.28 -13.79 11.42
C PRO A 117 -7.23 -14.87 11.63
N TRP A 118 -6.94 -15.62 10.57
CA TRP A 118 -5.82 -16.55 10.50
C TRP A 118 -5.92 -17.78 11.42
N ASN A 119 -7.14 -18.11 11.86
CA ASN A 119 -7.37 -19.29 12.71
C ASN A 119 -6.60 -19.19 14.03
N GLN A 120 -6.34 -17.96 14.45
CA GLN A 120 -5.58 -17.68 15.67
C GLN A 120 -6.32 -18.05 16.93
N THR A 121 -5.56 -18.50 17.94
CA THR A 121 -6.04 -18.61 19.32
C THR A 121 -6.03 -17.22 19.96
N GLU A 122 -7.13 -16.87 20.63
CA GLU A 122 -7.27 -15.59 21.33
C GLU A 122 -6.10 -15.35 22.28
N GLY A 123 -5.40 -14.24 22.09
CA GLY A 123 -4.29 -13.83 22.95
C GLY A 123 -4.52 -12.44 23.53
N ASP A 124 -3.45 -11.66 23.64
CA ASP A 124 -3.53 -10.34 24.27
C ASP A 124 -3.04 -9.16 23.44
N VAL A 125 -2.72 -9.38 22.17
CA VAL A 125 -2.28 -8.27 21.30
C VAL A 125 -3.50 -7.64 20.61
N THR A 126 -3.88 -6.46 21.04
CA THR A 126 -5.04 -5.77 20.48
C THR A 126 -4.64 -4.98 19.23
N PRO A 127 -5.63 -4.57 18.41
CA PRO A 127 -5.38 -3.70 17.26
C PRO A 127 -4.60 -2.44 17.63
N ASP A 128 -4.86 -1.92 18.82
CA ASP A 128 -4.16 -0.75 19.34
C ASP A 128 -2.69 -1.07 19.58
N ASP A 129 -2.40 -2.25 20.12
CA ASP A 129 -1.02 -2.68 20.32
C ASP A 129 -0.29 -2.76 18.98
N VAL A 130 -0.96 -3.30 17.96
CA VAL A 130 -0.39 -3.47 16.63
C VAL A 130 0.14 -2.14 16.09
N VAL A 131 -0.70 -1.12 16.14
CA VAL A 131 -0.33 0.21 15.65
C VAL A 131 0.85 0.75 16.44
N ASP A 132 0.83 0.49 17.73
CA ASP A 132 1.92 0.93 18.61
C ASP A 132 3.24 0.23 18.26
N LEU A 133 3.19 -1.07 18.03
CA LEU A 133 4.41 -1.85 17.72
C LEU A 133 4.96 -1.49 16.35
N VAL A 134 4.06 -1.29 15.39
CA VAL A 134 4.45 -0.82 14.06
C VAL A 134 5.08 0.58 14.13
N ASN A 135 4.45 1.51 14.86
CA ASN A 135 5.05 2.84 15.07
C ASN A 135 6.48 2.70 15.56
N GLN A 136 6.67 1.84 16.56
CA GLN A 136 7.99 1.60 17.16
C GLN A 136 9.03 1.17 16.14
N GLY A 137 8.70 0.16 15.32
CA GLY A 137 9.62 -0.36 14.31
C GLY A 137 9.92 0.61 13.18
N LEU A 138 8.89 1.33 12.72
CA LEU A 138 9.07 2.32 11.66
C LEU A 138 9.88 3.51 12.15
N HIS A 139 9.62 3.93 13.39
CA HIS A 139 10.32 5.04 14.00
C HIS A 139 11.80 4.71 14.25
N GLU A 140 12.05 3.53 14.83
CA GLU A 140 13.40 3.02 15.01
C GLU A 140 14.12 2.82 13.67
N GLY A 141 13.37 2.38 12.65
CA GLY A 141 13.92 2.21 11.31
C GLY A 141 14.31 3.52 10.66
N GLU A 142 13.45 4.52 10.83
CA GLU A 142 13.71 5.84 10.28
C GLU A 142 14.99 6.44 10.86
N GLN A 143 15.18 6.27 12.18
CA GLN A 143 16.41 6.74 12.85
C GLN A 143 17.66 5.98 12.41
N ALA A 144 17.51 4.68 12.18
CA ALA A 144 18.64 3.82 11.86
C ALA A 144 19.10 3.89 10.40
N PHE A 145 18.16 4.09 9.47
CA PHE A 145 18.46 3.98 8.05
C PHE A 145 18.35 5.28 7.23
N GLY A 146 17.90 6.35 7.88
CA GLY A 146 17.96 7.70 7.30
C GLY A 146 16.96 8.07 6.22
N ILE A 147 15.83 7.36 6.19
CA ILE A 147 14.73 7.70 5.27
C ILE A 147 13.43 7.93 6.05
N LYS A 148 12.52 8.71 5.48
CA LYS A 148 11.30 9.08 6.20
C LYS A 148 10.14 8.14 5.86
N VAL A 149 9.52 7.58 6.91
CA VAL A 149 8.42 6.64 6.75
C VAL A 149 7.21 7.07 7.58
N ARG A 150 6.04 7.01 6.95
CA ARG A 150 4.74 7.18 7.62
C ARG A 150 3.77 6.03 7.33
N SER A 151 2.75 5.87 8.16
CA SER A 151 1.85 4.73 8.00
C SER A 151 0.41 5.12 7.59
N ILE A 152 -0.29 4.16 6.99
CA ILE A 152 -1.68 4.29 6.61
C ILE A 152 -2.45 3.08 7.14
N LEU A 153 -3.57 3.31 7.79
CA LEU A 153 -4.33 2.21 8.37
C LEU A 153 -5.49 1.87 7.46
N CYS A 154 -5.75 0.57 7.30
CA CYS A 154 -6.69 0.05 6.30
C CYS A 154 -8.03 -0.45 6.83
N CYS A 155 -9.10 0.12 6.26
CA CYS A 155 -10.42 -0.44 6.41
C CYS A 155 -10.52 -1.57 5.39
N MET A 156 -11.47 -2.47 5.61
CA MET A 156 -11.68 -3.65 4.78
C MET A 156 -13.11 -3.63 4.26
N ARG A 157 -13.27 -3.70 2.94
CA ARG A 157 -14.59 -3.61 2.32
C ARG A 157 -15.66 -4.54 2.92
N HIS A 158 -15.27 -5.77 3.26
CA HIS A 158 -16.19 -6.78 3.80
C HIS A 158 -16.40 -6.69 5.31
N GLN A 159 -15.64 -5.82 5.98
CA GLN A 159 -15.82 -5.59 7.43
C GLN A 159 -16.02 -4.11 7.77
N PRO A 160 -17.17 -3.52 7.37
CA PRO A 160 -17.42 -2.13 7.77
C PRO A 160 -17.51 -1.95 9.30
N SER A 161 -17.76 -3.04 10.03
CA SER A 161 -17.85 -3.02 11.50
C SER A 161 -16.52 -2.72 12.20
N TRP A 162 -15.44 -2.67 11.45
CA TRP A 162 -14.12 -2.31 11.97
C TRP A 162 -13.70 -0.87 11.64
N SER A 163 -14.40 -0.24 10.68
CA SER A 163 -13.96 1.04 10.11
C SER A 163 -13.91 2.22 11.08
N LEU A 164 -14.96 2.39 11.89
CA LEU A 164 -14.97 3.47 12.89
C LEU A 164 -13.79 3.32 13.87
N GLU A 165 -13.48 2.07 14.21
CA GLU A 165 -12.30 1.74 15.00
C GLU A 165 -10.98 2.11 14.30
N VAL A 166 -10.91 1.88 12.98
CA VAL A 166 -9.74 2.29 12.19
C VAL A 166 -9.56 3.81 12.27
N LEU A 167 -10.67 4.54 12.19
CA LEU A 167 -10.66 5.99 12.33
C LEU A 167 -10.18 6.43 13.72
N GLU A 168 -10.68 5.77 14.77
CA GLU A 168 -10.22 6.08 16.12
C GLU A 168 -8.71 5.91 16.32
N LEU A 169 -8.17 4.82 15.78
CA LEU A 169 -6.73 4.59 15.79
C LEU A 169 -5.96 5.66 15.01
N CYS A 170 -6.46 6.04 13.84
CA CYS A 170 -5.83 7.12 13.05
C CYS A 170 -5.74 8.41 13.84
N LYS A 171 -6.81 8.72 14.58
CA LYS A 171 -6.89 9.92 15.41
C LYS A 171 -5.92 9.92 16.58
N LYS A 172 -5.82 8.77 17.26
CA LYS A 172 -4.95 8.63 18.43
C LYS A 172 -3.46 8.68 18.05
N TYR A 173 -3.12 8.08 16.92
CA TYR A 173 -1.73 8.00 16.47
C TYR A 173 -1.41 8.92 15.28
N ASN A 174 -2.19 9.99 15.13
CA ASN A 174 -1.96 11.02 14.12
C ASN A 174 -0.54 11.58 14.28
N GLN A 175 0.20 11.57 13.18
CA GLN A 175 1.59 12.10 13.10
C GLN A 175 2.64 11.27 13.83
N LYS A 176 2.20 10.30 14.62
CA LYS A 176 3.15 9.40 15.29
C LYS A 176 2.99 7.93 14.89
N THR A 177 2.42 7.80 13.70
CA THR A 177 3.16 7.55 12.44
C THR A 177 2.10 7.63 11.36
N VAL A 178 0.84 7.58 11.79
CA VAL A 178 -0.33 7.50 10.91
C VAL A 178 -0.69 8.85 10.30
N VAL A 179 -0.79 8.88 8.99
CA VAL A 179 -1.15 10.10 8.26
C VAL A 179 -2.45 9.96 7.47
N ALA A 180 -2.98 8.74 7.35
CA ALA A 180 -4.12 8.48 6.47
C ALA A 180 -4.84 7.15 6.76
N MET A 181 -5.99 7.00 6.09
CA MET A 181 -6.83 5.82 6.18
C MET A 181 -7.06 5.29 4.77
N ASP A 182 -7.00 3.97 4.62
CA ASP A 182 -7.18 3.27 3.35
C ASP A 182 -8.40 2.37 3.42
N LEU A 183 -8.84 1.91 2.26
CA LEU A 183 -9.94 0.95 2.15
C LEU A 183 -9.48 -0.11 1.15
N ILE A 184 -9.31 -1.34 1.65
CA ILE A 184 -8.89 -2.48 0.82
C ILE A 184 -10.00 -3.52 0.76
N GLY A 185 -9.78 -4.56 -0.06
CA GLY A 185 -10.71 -5.67 -0.16
C GLY A 185 -11.31 -5.81 -1.54
N ASP A 186 -12.33 -6.66 -1.65
CA ASP A 186 -12.93 -7.00 -2.93
C ASP A 186 -13.83 -5.88 -3.42
N GLU A 187 -13.36 -5.10 -4.38
CA GLU A 187 -14.15 -4.00 -4.92
C GLU A 187 -15.31 -4.44 -5.84
N THR A 188 -15.43 -5.74 -6.08
CA THR A 188 -16.55 -6.24 -6.87
C THR A 188 -17.77 -6.52 -6.00
N ILE A 189 -17.65 -6.34 -4.69
CA ILE A 189 -18.79 -6.46 -3.77
C ILE A 189 -19.72 -5.30 -4.02
N GLU A 190 -20.97 -5.62 -4.31
CA GLU A 190 -22.02 -4.64 -4.61
C GLU A 190 -22.24 -3.66 -3.47
N GLY A 191 -21.95 -2.38 -3.75
CA GLY A 191 -22.22 -1.28 -2.82
C GLY A 191 -21.41 -1.30 -1.53
N SER A 192 -20.23 -1.92 -1.56
CA SER A 192 -19.38 -1.96 -0.37
C SER A 192 -18.87 -0.56 0.01
N SER A 193 -18.63 0.27 -1.00
CA SER A 193 -18.23 1.66 -0.78
C SER A 193 -19.29 2.46 0.01
N LEU A 194 -20.54 1.98 -0.04
CA LEU A 194 -21.67 2.66 0.58
C LEU A 194 -22.05 2.12 1.97
N PHE A 195 -21.43 1.03 2.42
CA PHE A 195 -21.70 0.52 3.76
C PHE A 195 -21.49 1.65 4.76
N PRO A 196 -22.50 1.94 5.60
CA PRO A 196 -22.49 3.03 6.59
C PRO A 196 -21.20 3.14 7.41
N GLY A 197 -20.59 2.01 7.76
CA GLY A 197 -19.35 1.98 8.53
C GLY A 197 -18.18 2.63 7.82
N HIS A 198 -18.04 2.34 6.53
CA HIS A 198 -17.03 3.01 5.72
C HIS A 198 -17.36 4.48 5.49
N VAL A 199 -18.63 4.76 5.18
CA VAL A 199 -19.07 6.12 4.84
C VAL A 199 -18.79 7.07 6.00
N GLU A 200 -19.15 6.65 7.21
CA GLU A 200 -18.98 7.46 8.40
C GLU A 200 -17.53 7.60 8.85
N ALA A 201 -16.76 6.51 8.74
CA ALA A 201 -15.32 6.55 8.99
C ALA A 201 -14.65 7.59 8.10
N TYR A 202 -14.99 7.55 6.81
CA TYR A 202 -14.43 8.51 5.87
C TYR A 202 -14.98 9.93 6.06
N GLU A 203 -16.21 10.06 6.54
CA GLU A 203 -16.76 11.37 6.94
C GLU A 203 -15.99 11.91 8.15
N GLY A 204 -15.70 11.04 9.11
CA GLY A 204 -14.94 11.42 10.30
C GLY A 204 -13.49 11.77 10.00
N ALA A 205 -12.93 11.14 8.97
CA ALA A 205 -11.57 11.42 8.52
C ALA A 205 -11.42 12.88 8.08
N VAL A 206 -12.33 13.32 7.21
CA VAL A 206 -12.39 14.69 6.69
C VAL A 206 -12.43 15.67 7.86
N LYS A 207 -13.36 15.41 8.78
CA LYS A 207 -13.57 16.18 10.01
C LYS A 207 -12.29 16.33 10.85
N ASN A 208 -11.46 15.30 10.85
CA ASN A 208 -10.30 15.23 11.75
C ASN A 208 -8.93 15.44 11.11
N GLY A 209 -8.91 15.80 9.82
CA GLY A 209 -7.65 15.94 9.10
C GLY A 209 -6.87 14.66 8.89
N ILE A 210 -7.55 13.51 8.97
CA ILE A 210 -6.95 12.23 8.61
C ILE A 210 -7.06 12.06 7.10
N HIS A 211 -5.92 11.96 6.43
CA HIS A 211 -5.90 11.86 4.96
C HIS A 211 -6.55 10.55 4.43
N ARG A 212 -6.89 10.55 3.13
CA ARG A 212 -7.78 9.53 2.56
C ARG A 212 -7.29 9.00 1.22
N THR A 213 -7.06 7.67 1.21
CA THR A 213 -6.83 6.93 -0.03
C THR A 213 -7.82 5.75 -0.09
N VAL A 214 -8.13 5.28 -1.29
CA VAL A 214 -9.06 4.16 -1.49
C VAL A 214 -8.63 3.29 -2.69
N HIS A 215 -8.54 1.97 -2.48
CA HIS A 215 -8.35 1.02 -3.59
C HIS A 215 -9.61 1.03 -4.45
N ALA A 216 -9.48 1.40 -5.73
CA ALA A 216 -10.62 1.40 -6.66
C ALA A 216 -10.18 1.40 -8.11
N GLY A 217 -10.94 0.70 -8.93
CA GLY A 217 -10.66 0.61 -10.36
C GLY A 217 -9.45 -0.25 -10.66
N GLU A 218 -9.09 -1.09 -9.71
CA GLU A 218 -7.97 -2.01 -9.89
C GLU A 218 -8.30 -3.07 -10.96
N PHE A 219 -9.44 -3.73 -10.85
CA PHE A 219 -9.79 -4.83 -11.78
C PHE A 219 -10.86 -4.46 -12.84
N GLY A 220 -11.57 -3.36 -12.59
CA GLY A 220 -12.71 -2.92 -13.40
C GLY A 220 -13.52 -1.89 -12.62
N SER A 221 -14.81 -1.80 -12.94
CA SER A 221 -15.77 -0.95 -12.21
C SER A 221 -15.35 0.52 -12.03
N PRO A 222 -15.41 1.34 -13.10
CA PRO A 222 -15.12 2.77 -12.96
C PRO A 222 -16.01 3.45 -11.91
N GLU A 223 -17.21 2.91 -11.73
CA GLU A 223 -18.19 3.47 -10.79
C GLU A 223 -17.66 3.46 -9.34
N VAL A 224 -16.82 2.48 -9.01
CA VAL A 224 -16.23 2.36 -7.67
C VAL A 224 -15.22 3.48 -7.40
N VAL A 225 -14.50 3.89 -8.46
CA VAL A 225 -13.63 5.07 -8.43
C VAL A 225 -14.47 6.33 -8.17
N ARG A 226 -15.59 6.49 -8.88
CA ARG A 226 -16.50 7.63 -8.68
C ARG A 226 -17.02 7.67 -7.23
N GLU A 227 -17.39 6.50 -6.72
CA GLU A 227 -17.83 6.34 -5.33
C GLU A 227 -16.75 6.77 -4.34
N ALA A 228 -15.52 6.33 -4.60
CA ALA A 228 -14.38 6.70 -3.77
C ALA A 228 -14.16 8.22 -3.71
N VAL A 229 -14.34 8.89 -4.84
CA VAL A 229 -14.06 10.32 -4.95
C VAL A 229 -15.21 11.18 -4.43
N ASP A 230 -16.44 10.87 -4.86
CA ASP A 230 -17.59 11.73 -4.58
C ASP A 230 -18.29 11.44 -3.26
N ILE A 231 -18.20 10.20 -2.79
CA ILE A 231 -18.91 9.76 -1.59
C ILE A 231 -17.99 9.61 -0.36
N LEU A 232 -16.86 8.93 -0.51
CA LEU A 232 -15.89 8.78 0.57
C LEU A 232 -14.89 9.94 0.61
N LYS A 233 -14.96 10.82 -0.38
CA LYS A 233 -14.09 12.01 -0.47
C LYS A 233 -12.58 11.70 -0.46
N THR A 234 -12.17 10.68 -1.20
CA THR A 234 -10.77 10.28 -1.21
C THR A 234 -9.87 11.30 -1.90
N GLU A 235 -8.61 11.36 -1.47
CA GLU A 235 -7.64 12.32 -2.00
C GLU A 235 -6.71 11.67 -3.01
N ARG A 236 -6.52 10.36 -2.86
CA ARG A 236 -5.80 9.56 -3.85
C ARG A 236 -6.58 8.27 -4.11
N VAL A 237 -6.41 7.73 -5.32
CA VAL A 237 -6.99 6.46 -5.69
C VAL A 237 -5.87 5.43 -5.85
N GLY A 238 -6.02 4.29 -5.16
CA GLY A 238 -5.11 3.17 -5.29
C GLY A 238 -5.43 2.42 -6.56
N HIS A 239 -4.44 2.34 -7.46
CA HIS A 239 -4.58 1.70 -8.78
C HIS A 239 -5.35 2.58 -9.75
N GLY A 240 -6.66 2.36 -9.87
CA GLY A 240 -7.51 3.21 -10.72
C GLY A 240 -7.35 3.11 -12.22
N TYR A 241 -6.84 1.99 -12.71
CA TYR A 241 -6.65 1.78 -14.15
C TYR A 241 -7.96 1.86 -14.94
N HIS A 242 -9.03 1.31 -14.38
CA HIS A 242 -10.28 1.18 -15.10
C HIS A 242 -11.17 2.43 -15.07
N THR A 243 -10.63 3.51 -14.50
CA THR A 243 -11.24 4.85 -14.60
C THR A 243 -11.33 5.34 -16.06
N ILE A 244 -10.45 4.85 -16.92
CA ILE A 244 -10.41 5.31 -18.32
C ILE A 244 -11.58 4.73 -19.15
N GLU A 245 -12.31 3.78 -18.56
CA GLU A 245 -13.50 3.18 -19.18
C GLU A 245 -14.70 4.12 -19.15
N ASP A 246 -14.65 5.09 -18.24
CA ASP A 246 -15.64 6.16 -18.19
C ASP A 246 -14.91 7.44 -18.50
N GLU A 247 -14.89 7.81 -19.79
CA GLU A 247 -14.08 8.91 -20.27
C GLU A 247 -14.42 10.24 -19.59
N ALA A 248 -15.71 10.43 -19.30
CA ALA A 248 -16.20 11.62 -18.61
C ALA A 248 -15.71 11.74 -17.16
N LEU A 249 -15.60 10.60 -16.47
CA LEU A 249 -15.09 10.58 -15.09
C LEU A 249 -13.59 10.78 -15.07
N TYR A 250 -12.89 10.04 -15.93
CA TYR A 250 -11.45 10.15 -16.07
C TYR A 250 -11.07 11.59 -16.41
N ASN A 251 -11.84 12.19 -17.30
CA ASN A 251 -11.65 13.59 -17.66
C ASN A 251 -11.82 14.51 -16.46
N ARG A 252 -12.87 14.30 -15.67
CA ARG A 252 -13.08 15.14 -14.50
C ARG A 252 -11.95 15.00 -13.49
N LEU A 253 -11.54 13.76 -13.20
CA LEU A 253 -10.48 13.51 -12.23
C LEU A 253 -9.13 14.03 -12.67
N LEU A 254 -8.94 14.10 -13.98
CA LEU A 254 -7.76 14.74 -14.57
C LEU A 254 -7.76 16.22 -14.23
N LYS A 255 -8.89 16.87 -14.41
CA LYS A 255 -9.02 18.30 -14.14
C LYS A 255 -8.91 18.65 -12.65
N GLU A 256 -9.36 17.74 -11.79
CA GLU A 256 -9.34 17.98 -10.35
C GLU A 256 -7.99 17.61 -9.75
N ASN A 257 -7.08 17.16 -10.61
CA ASN A 257 -5.72 16.79 -10.19
C ASN A 257 -5.69 15.62 -9.21
N MET A 258 -6.59 14.66 -9.42
CA MET A 258 -6.65 13.46 -8.60
C MET A 258 -5.32 12.71 -8.67
N HIS A 259 -4.88 12.11 -7.58
CA HIS A 259 -3.67 11.31 -7.63
C HIS A 259 -3.99 9.83 -7.77
N PHE A 260 -3.37 9.19 -8.78
CA PHE A 260 -3.47 7.75 -8.98
C PHE A 260 -2.21 7.01 -8.51
N GLU A 261 -2.36 6.10 -7.55
CA GLU A 261 -1.26 5.29 -7.05
C GLU A 261 -1.09 4.06 -7.95
N VAL A 262 -0.13 4.13 -8.87
CA VAL A 262 0.04 3.09 -9.90
C VAL A 262 1.00 1.96 -9.47
N CYS A 263 0.56 0.73 -9.68
CA CYS A 263 1.37 -0.45 -9.37
C CYS A 263 1.49 -1.38 -10.60
N PRO A 264 2.41 -1.05 -11.52
CA PRO A 264 2.51 -1.69 -12.84
C PRO A 264 2.78 -3.19 -12.77
N TRP A 265 3.84 -3.58 -12.08
CA TRP A 265 4.20 -4.99 -11.95
C TRP A 265 3.10 -5.77 -11.24
N SER A 266 2.52 -5.17 -10.19
CA SER A 266 1.39 -5.75 -9.46
C SER A 266 0.23 -6.04 -10.38
N SER A 267 -0.14 -5.04 -11.19
CA SER A 267 -1.31 -5.12 -12.08
C SER A 267 -1.19 -6.28 -13.05
N TYR A 268 0.04 -6.59 -13.45
CA TYR A 268 0.30 -7.73 -14.31
C TYR A 268 0.03 -9.06 -13.58
N LEU A 269 0.69 -9.25 -12.44
CA LEU A 269 0.59 -10.48 -11.64
C LEU A 269 -0.77 -10.76 -10.99
N THR A 270 -1.51 -9.72 -10.61
CA THR A 270 -2.85 -9.90 -10.07
C THR A 270 -3.86 -10.10 -11.19
N GLY A 271 -3.44 -9.82 -12.42
CA GLY A 271 -4.32 -9.92 -13.59
C GLY A 271 -5.26 -8.73 -13.75
N ALA A 272 -4.99 -7.65 -13.02
CA ALA A 272 -5.74 -6.40 -13.11
C ALA A 272 -5.58 -5.77 -14.48
N TRP A 273 -4.38 -5.87 -15.03
CA TRP A 273 -4.09 -5.39 -16.37
C TRP A 273 -3.90 -6.58 -17.32
N ASP A 274 -4.72 -6.62 -18.36
CA ASP A 274 -4.56 -7.56 -19.45
C ASP A 274 -3.34 -7.16 -20.31
N PRO A 275 -2.28 -8.00 -20.31
CA PRO A 275 -1.00 -7.71 -20.99
C PRO A 275 -1.06 -7.54 -22.51
N LYS A 276 -2.19 -7.92 -23.11
CA LYS A 276 -2.43 -7.75 -24.55
C LYS A 276 -2.94 -6.35 -24.87
N THR A 277 -3.41 -5.64 -23.84
CA THR A 277 -3.84 -4.25 -23.96
C THR A 277 -2.72 -3.36 -23.46
N THR A 278 -2.77 -2.08 -23.82
CA THR A 278 -1.81 -1.12 -23.31
C THR A 278 -2.21 -0.68 -21.91
N HIS A 279 -1.20 -0.54 -21.06
CA HIS A 279 -1.41 -0.21 -19.67
C HIS A 279 -1.99 1.20 -19.54
N ALA A 280 -2.92 1.36 -18.59
CA ALA A 280 -3.52 2.65 -18.27
C ALA A 280 -2.51 3.77 -18.01
N VAL A 281 -1.36 3.39 -17.44
CA VAL A 281 -0.32 4.33 -17.06
C VAL A 281 0.23 5.06 -18.30
N VAL A 282 0.07 4.44 -19.48
CA VAL A 282 0.45 5.04 -20.74
C VAL A 282 -0.43 6.27 -21.03
N ARG A 283 -1.73 6.13 -20.75
CA ARG A 283 -2.67 7.26 -20.87
C ARG A 283 -2.35 8.32 -19.84
N PHE A 284 -2.03 7.90 -18.61
CA PHE A 284 -1.69 8.83 -17.52
C PHE A 284 -0.47 9.66 -17.90
N LYS A 285 0.57 9.00 -18.40
CA LYS A 285 1.78 9.67 -18.85
C LYS A 285 1.48 10.68 -19.94
N ASN A 286 0.75 10.24 -20.97
CA ASN A 286 0.43 11.07 -22.12
C ASN A 286 -0.46 12.25 -21.76
N ASP A 287 -1.34 12.05 -20.78
CA ASP A 287 -2.25 13.11 -20.34
C ASP A 287 -1.61 13.98 -19.28
N LYS A 288 -0.38 13.63 -18.89
CA LYS A 288 0.36 14.35 -17.86
C LYS A 288 -0.47 14.34 -16.57
N ALA A 289 -0.97 13.16 -16.25
CA ALA A 289 -1.75 12.92 -15.06
C ALA A 289 -0.88 12.95 -13.80
N ASN A 290 -1.55 13.03 -12.65
CA ASN A 290 -0.93 13.02 -11.33
C ASN A 290 -0.94 11.59 -10.80
N TYR A 291 0.23 10.96 -10.82
CA TYR A 291 0.34 9.57 -10.44
C TYR A 291 1.73 9.24 -9.88
N SER A 292 1.81 8.12 -9.18
CA SER A 292 3.05 7.63 -8.61
C SER A 292 3.31 6.19 -9.08
N LEU A 293 4.53 5.71 -8.86
CA LEU A 293 4.86 4.31 -9.13
C LEU A 293 5.20 3.61 -7.81
N ASN A 294 4.69 2.39 -7.65
CA ASN A 294 4.64 1.72 -6.36
C ASN A 294 4.71 0.21 -6.49
N THR A 295 5.27 -0.46 -5.49
CA THR A 295 5.48 -1.92 -5.53
C THR A 295 4.27 -2.71 -5.09
N ASP A 296 3.43 -2.13 -4.23
CA ASP A 296 2.21 -2.80 -3.73
C ASP A 296 2.51 -3.95 -2.73
N ALA A 297 2.97 -5.09 -3.22
CA ALA A 297 3.30 -6.24 -2.36
C ALA A 297 4.58 -6.94 -2.86
N PRO A 298 5.76 -6.34 -2.58
CA PRO A 298 7.03 -6.85 -3.11
C PRO A 298 7.34 -8.30 -2.75
N LEU A 299 6.82 -8.78 -1.63
CA LEU A 299 6.99 -10.17 -1.23
C LEU A 299 6.30 -11.09 -2.25
N GLU A 300 5.00 -10.90 -2.44
CA GLU A 300 4.26 -11.72 -3.39
C GLU A 300 4.74 -11.54 -4.83
N PHE A 301 5.19 -10.34 -5.14
CA PHE A 301 5.55 -10.00 -6.52
C PHE A 301 7.05 -10.08 -6.79
N LYS A 302 7.82 -10.54 -5.79
CA LYS A 302 9.28 -10.74 -5.90
C LYS A 302 9.99 -9.53 -6.50
N SER A 303 9.60 -8.35 -6.05
CA SER A 303 9.98 -7.12 -6.73
C SER A 303 10.63 -6.12 -5.79
N THR A 304 11.29 -5.14 -6.41
CA THR A 304 11.69 -3.93 -5.74
C THR A 304 11.13 -2.81 -6.60
N LEU A 305 11.30 -1.57 -6.18
CA LEU A 305 10.80 -0.43 -6.94
C LEU A 305 11.37 -0.42 -8.37
N ASP A 306 12.58 -0.96 -8.53
CA ASP A 306 13.24 -1.02 -9.84
C ASP A 306 12.49 -1.92 -10.83
N THR A 307 11.86 -2.98 -10.33
CA THR A 307 10.98 -3.81 -11.17
C THR A 307 9.94 -2.99 -11.95
N ASP A 308 9.27 -2.10 -11.23
CA ASP A 308 8.20 -1.30 -11.80
C ASP A 308 8.74 -0.18 -12.71
N TYR A 309 9.94 0.33 -12.41
CA TYR A 309 10.58 1.33 -13.27
C TYR A 309 11.20 0.70 -14.51
N GLN A 310 11.83 -0.48 -14.35
CA GLN A 310 12.32 -1.25 -15.49
C GLN A 310 11.21 -1.55 -16.48
N MET A 311 10.05 -1.94 -15.94
CA MET A 311 8.89 -2.33 -16.74
C MET A 311 8.41 -1.18 -17.63
N THR A 312 8.25 0.00 -17.05
CA THR A 312 7.79 1.20 -17.78
C THR A 312 8.81 1.71 -18.80
N LYS A 313 10.08 1.67 -18.43
CA LYS A 313 11.15 2.12 -19.31
C LYS A 313 11.29 1.23 -20.54
N LYS A 314 11.27 -0.08 -20.34
CA LYS A 314 11.48 -1.01 -21.44
C LYS A 314 10.25 -1.15 -22.33
N ASP A 315 9.12 -1.48 -21.71
CA ASP A 315 7.91 -1.80 -22.47
C ASP A 315 7.07 -0.60 -22.87
N MET A 316 7.20 0.51 -22.13
CA MET A 316 6.31 1.66 -22.31
C MET A 316 7.02 2.98 -22.64
N GLY A 317 8.33 2.89 -22.88
CA GLY A 317 9.12 4.04 -23.31
C GLY A 317 9.13 5.23 -22.39
N PHE A 318 9.12 4.97 -21.09
CA PHE A 318 9.20 6.04 -20.08
C PHE A 318 10.61 6.61 -20.02
N THR A 319 10.69 7.94 -19.87
CA THR A 319 11.97 8.64 -19.85
C THR A 319 12.39 9.07 -18.45
N GLU A 320 13.64 9.51 -18.35
CA GLU A 320 14.21 10.12 -17.16
C GLU A 320 13.31 11.25 -16.63
N GLU A 321 12.85 12.13 -17.52
CA GLU A 321 12.05 13.29 -17.11
C GLU A 321 10.61 12.96 -16.70
N GLU A 322 10.07 11.84 -17.19
CA GLU A 322 8.75 11.38 -16.73
C GLU A 322 8.86 10.77 -15.34
N PHE A 323 9.96 10.06 -15.09
CA PHE A 323 10.22 9.48 -13.77
C PHE A 323 10.37 10.59 -12.73
N LYS A 324 11.09 11.65 -13.10
CA LYS A 324 11.24 12.86 -12.26
C LYS A 324 9.90 13.55 -11.98
N ARG A 325 9.10 13.78 -13.03
CA ARG A 325 7.82 14.49 -12.92
C ARG A 325 6.83 13.77 -12.00
N LEU A 326 6.80 12.44 -12.06
CA LEU A 326 5.82 11.65 -11.30
C LEU A 326 6.20 11.58 -9.82
N ASN A 327 7.49 11.54 -9.54
CA ASN A 327 7.98 11.56 -8.17
C ASN A 327 7.73 12.91 -7.48
N ILE A 328 7.81 14.00 -8.26
CA ILE A 328 7.46 15.33 -7.75
C ILE A 328 5.96 15.39 -7.40
N ASN A 329 5.15 14.80 -8.27
CA ASN A 329 3.72 14.68 -8.05
C ASN A 329 3.37 13.82 -6.83
N ALA A 330 4.11 12.73 -6.67
CA ALA A 330 3.92 11.83 -5.54
C ALA A 330 4.19 12.57 -4.24
N ALA A 331 5.21 13.42 -4.25
CA ALA A 331 5.59 14.28 -3.12
C ALA A 331 4.50 15.29 -2.81
N LYS A 332 4.05 16.01 -3.84
CA LYS A 332 2.97 16.97 -3.70
C LYS A 332 1.68 16.32 -3.22
N SER A 333 1.48 15.05 -3.55
CA SER A 333 0.27 14.34 -3.15
C SER A 333 0.46 13.52 -1.88
N SER A 334 1.63 13.63 -1.25
CA SER A 334 1.93 12.86 -0.04
C SER A 334 1.07 13.35 1.11
N PHE A 335 0.99 12.55 2.17
CA PHE A 335 0.11 12.89 3.27
C PHE A 335 0.85 13.54 4.43
N LEU A 336 1.93 14.24 4.11
CA LEU A 336 2.73 14.94 5.11
C LEU A 336 2.12 16.29 5.43
N PRO A 337 2.30 16.77 6.68
CA PRO A 337 2.04 18.17 7.05
C PRO A 337 2.81 19.08 6.11
N GLU A 338 2.27 20.28 5.85
CA GLU A 338 2.80 21.15 4.79
C GLU A 338 4.31 21.36 4.81
N GLU A 339 4.86 21.58 6.00
CA GLU A 339 6.27 21.93 6.19
C GLU A 339 7.20 20.78 5.85
N GLU A 340 6.82 19.56 6.25
CA GLU A 340 7.55 18.35 5.87
C GLU A 340 7.45 18.06 4.37
N LYS A 341 6.33 18.43 3.77
CA LYS A 341 6.13 18.27 2.33
C LYS A 341 7.03 19.20 1.52
N LYS A 342 7.17 20.44 1.99
CA LYS A 342 8.07 21.39 1.36
C LYS A 342 9.51 20.86 1.39
N GLU A 343 9.96 20.43 2.57
CA GLU A 343 11.27 19.79 2.74
C GLU A 343 11.50 18.66 1.75
N LEU A 344 10.54 17.74 1.65
CA LEU A 344 10.66 16.59 0.74
C LEU A 344 10.79 17.08 -0.69
N LEU A 345 9.90 17.99 -1.07
CA LEU A 345 9.89 18.60 -2.39
C LEU A 345 11.20 19.29 -2.73
N GLU A 346 11.76 20.03 -1.76
CA GLU A 346 12.99 20.77 -1.99
C GLU A 346 14.18 19.84 -2.17
N ARG A 347 14.17 18.73 -1.45
CA ARG A 347 15.17 17.68 -1.63
C ARG A 347 15.10 17.07 -3.03
N LEU A 348 13.88 16.79 -3.50
CA LEU A 348 13.71 16.27 -4.85
C LEU A 348 14.23 17.26 -5.91
N TYR A 349 13.83 18.53 -5.80
CA TYR A 349 14.26 19.55 -6.76
C TYR A 349 15.77 19.62 -6.97
N ARG A 350 16.54 19.56 -5.88
CA ARG A 350 17.99 19.74 -5.97
C ARG A 350 18.69 18.49 -6.53
N GLU A 351 18.15 17.32 -6.21
CA GLU A 351 18.73 16.08 -6.70
C GLU A 351 18.29 15.75 -8.12
N TYR A 352 17.25 16.43 -8.59
CA TYR A 352 16.83 16.33 -9.99
C TYR A 352 17.39 17.47 -10.83
N GLN A 353 18.18 18.36 -10.22
CA GLN A 353 18.81 19.49 -10.94
C GLN A 353 19.86 18.96 -11.90
ZN ZN B . -2.67 -2.34 -2.63
ZN ZN C . 12.36 -28.47 2.23
ZN ZN D . -2.11 -6.01 25.17
ZN ZN E . 10.28 -29.56 4.47
CA CA F . -11.78 -3.62 -9.70
#